data_4QN8
#
_entry.id   4QN8
#
_cell.length_a   77.553
_cell.length_b   77.553
_cell.length_c   71.997
_cell.angle_alpha   90.00
_cell.angle_beta   90.00
_cell.angle_gamma   120.00
#
_symmetry.space_group_name_H-M   'P 31'
#
loop_
_entity.id
_entity.type
_entity.pdbx_description
1 polymer VipE
2 non-polymer BETA-MERCAPTOETHANOL
3 water water
#
_entity_poly.entity_id   1
_entity_poly.type   'polypeptide(L)'
_entity_poly.pdbx_seq_one_letter_code
;GH(MSE)PLTQTQRLINTYGASLKNGTISNEELIILLDPNTFTKSEGYVDPNAPVSDSNHSK(MSE)DAIKDFVLTIGPT
LDSEILHQLTSR(MSE)IELSPPGDRNTF(MSE)RGSSLEKAFLAFE(MSE)AHYPTKAEEHFNSTRVRTEFPGENDIDN
LKAVILNPIIAFFQS
;
_entity_poly.pdbx_strand_id   A,B,C
#
# COMPACT_ATOMS: atom_id res chain seq x y z
N PRO A 4 6.35 -23.27 3.16
CA PRO A 4 6.79 -21.95 3.60
C PRO A 4 6.37 -21.67 5.04
N LEU A 5 6.89 -20.59 5.62
CA LEU A 5 6.45 -20.14 6.93
C LEU A 5 4.95 -19.85 6.91
N THR A 6 4.30 -20.03 8.07
CA THR A 6 2.88 -19.70 8.18
C THR A 6 2.64 -18.23 7.86
N GLN A 7 3.52 -17.37 8.37
CA GLN A 7 3.48 -15.94 8.07
C GLN A 7 3.42 -15.69 6.56
N THR A 8 4.26 -16.40 5.82
CA THR A 8 4.29 -16.29 4.36
C THR A 8 2.97 -16.70 3.75
N GLN A 9 2.46 -17.84 4.19
CA GLN A 9 1.20 -18.35 3.65
C GLN A 9 0.05 -17.37 3.84
N ARG A 10 -0.01 -16.75 5.02
CA ARG A 10 -1.13 -15.86 5.32
C ARG A 10 -1.02 -14.61 4.47
N LEU A 11 0.19 -14.08 4.34
CA LEU A 11 0.38 -12.87 3.55
C LEU A 11 0.19 -13.12 2.05
N ILE A 12 0.59 -14.31 1.58
CA ILE A 12 0.32 -14.69 0.19
C ILE A 12 -1.19 -14.85 -0.01
N ASN A 13 -1.86 -15.45 0.99
CA ASN A 13 -3.30 -15.62 0.93
C ASN A 13 -3.98 -14.26 0.75
N THR A 14 -3.48 -13.25 1.45
CA THR A 14 -4.08 -11.93 1.39
C THR A 14 -3.66 -11.19 0.11
N TYR A 15 -2.36 -11.18 -0.18
CA TYR A 15 -1.82 -10.30 -1.21
C TYR A 15 -1.44 -10.97 -2.54
N GLY A 16 -1.39 -12.30 -2.58
CA GLY A 16 -0.80 -12.99 -3.71
C GLY A 16 -1.48 -12.73 -5.05
N ALA A 17 -2.80 -12.74 -5.05
CA ALA A 17 -3.54 -12.61 -6.31
C ALA A 17 -3.31 -11.25 -6.95
N SER A 18 -3.24 -10.21 -6.14
CA SER A 18 -3.14 -8.84 -6.67
C SER A 18 -1.70 -8.46 -6.99
N LEU A 19 -0.75 -9.24 -6.46
CA LEU A 19 0.65 -9.08 -6.85
C LEU A 19 0.89 -9.79 -8.19
N LYS A 20 0.42 -11.03 -8.29
CA LYS A 20 0.65 -11.84 -9.49
C LYS A 20 0.21 -11.19 -10.81
N ASN A 21 -0.90 -10.46 -10.78
CA ASN A 21 -1.39 -9.79 -11.99
C ASN A 21 -1.03 -8.30 -11.99
N GLY A 22 -0.34 -7.87 -10.93
CA GLY A 22 0.15 -6.50 -10.83
C GLY A 22 -0.93 -5.45 -10.69
N THR A 23 -2.14 -5.89 -10.34
CA THR A 23 -3.24 -4.94 -10.19
C THR A 23 -3.28 -4.25 -8.83
N ILE A 24 -2.42 -4.69 -7.90
CA ILE A 24 -2.42 -4.11 -6.56
C ILE A 24 -2.36 -2.58 -6.62
N SER A 25 -3.24 -1.91 -5.88
CA SER A 25 -3.32 -0.44 -5.96
C SER A 25 -2.13 0.18 -5.29
N ASN A 26 -1.89 1.48 -5.54
CA ASN A 26 -0.81 2.15 -4.82
C ASN A 26 -1.04 2.08 -3.30
N GLU A 27 -2.28 2.22 -2.87
CA GLU A 27 -2.56 2.22 -1.43
C GLU A 27 -2.27 0.88 -0.79
N GLU A 28 -2.71 -0.20 -1.43
CA GLU A 28 -2.47 -1.51 -0.86
C GLU A 28 -0.99 -1.92 -0.96
N LEU A 29 -0.29 -1.43 -1.98
CA LEU A 29 1.13 -1.70 -2.12
C LEU A 29 1.90 -0.94 -1.03
N ILE A 30 1.46 0.27 -0.75
CA ILE A 30 2.08 1.07 0.31
C ILE A 30 1.89 0.34 1.65
N ILE A 31 0.72 -0.22 1.88
CA ILE A 31 0.45 -0.95 3.11
C ILE A 31 1.32 -2.21 3.20
N LEU A 32 1.45 -2.92 2.08
CA LEU A 32 2.29 -4.10 2.02
C LEU A 32 3.75 -3.74 2.35
N LEU A 33 4.15 -2.55 1.94
CA LEU A 33 5.52 -2.08 2.16
C LEU A 33 5.77 -1.50 3.56
N ASP A 34 4.73 -1.46 4.41
CA ASP A 34 4.89 -1.04 5.80
C ASP A 34 6.02 -1.88 6.44
N PRO A 35 6.98 -1.20 7.06
CA PRO A 35 8.15 -1.91 7.61
C PRO A 35 7.79 -3.05 8.58
N ASN A 36 6.59 -2.99 9.17
CA ASN A 36 6.20 -4.00 10.15
C ASN A 36 5.35 -5.13 9.60
N THR A 37 5.16 -5.18 8.28
CA THR A 37 4.33 -6.24 7.70
C THR A 37 4.92 -7.63 7.95
N PHE A 38 6.25 -7.73 7.84
CA PHE A 38 6.98 -8.96 8.12
C PHE A 38 7.75 -8.81 9.43
N THR A 39 7.80 -9.87 10.23
CA THR A 39 8.46 -9.80 11.53
C THR A 39 9.40 -10.99 11.76
N LYS A 40 10.42 -10.76 12.58
CA LYS A 40 11.22 -11.89 13.06
C LYS A 40 10.34 -12.66 14.04
N SER A 41 10.69 -13.91 14.31
CA SER A 41 10.03 -14.67 15.35
C SER A 41 10.32 -14.02 16.70
N GLU A 42 9.46 -14.26 17.69
CA GLU A 42 9.71 -13.70 19.01
C GLU A 42 10.92 -14.38 19.66
N GLY A 43 11.70 -13.63 20.43
CA GLY A 43 12.91 -14.17 21.00
C GLY A 43 14.07 -14.08 20.03
N TYR A 44 14.95 -15.09 20.06
CA TYR A 44 16.17 -15.03 19.27
C TYR A 44 16.17 -15.99 18.08
N VAL A 45 16.98 -15.66 17.07
CA VAL A 45 17.18 -16.57 15.97
C VAL A 45 18.39 -17.47 16.23
N ASP A 46 18.16 -18.78 16.26
CA ASP A 46 19.22 -19.77 16.44
C ASP A 46 19.82 -20.18 15.08
N PRO A 47 21.09 -19.83 14.84
CA PRO A 47 21.64 -20.11 13.51
C PRO A 47 21.91 -21.61 13.32
N ASN A 48 21.89 -22.35 14.43
CA ASN A 48 22.17 -23.78 14.42
C ASN A 48 20.90 -24.62 14.25
N ALA A 49 19.79 -23.94 13.94
CA ALA A 49 18.51 -24.61 13.73
C ALA A 49 17.90 -24.10 12.42
N PRO A 50 17.06 -24.91 11.77
CA PRO A 50 16.53 -24.46 10.48
C PRO A 50 15.56 -23.28 10.61
N VAL A 51 15.41 -22.49 9.55
CA VAL A 51 14.35 -21.49 9.48
C VAL A 51 12.99 -22.17 9.68
N SER A 52 12.23 -21.73 10.67
CA SER A 52 10.91 -22.26 10.96
C SER A 52 9.99 -21.17 11.51
N ASP A 53 8.75 -21.55 11.82
CA ASP A 53 7.78 -20.61 12.37
C ASP A 53 8.24 -20.01 13.69
N SER A 54 9.08 -20.74 14.43
CA SER A 54 9.51 -20.29 15.75
C SER A 54 10.97 -19.86 15.73
N ASN A 55 11.57 -19.83 14.54
CA ASN A 55 12.99 -19.47 14.41
C ASN A 55 13.26 -18.79 13.07
N HIS A 56 13.08 -17.48 13.02
CA HIS A 56 13.35 -16.75 11.77
C HIS A 56 13.60 -15.26 12.00
N SER A 57 14.60 -14.73 11.31
CA SER A 57 14.84 -13.31 11.33
C SER A 57 13.80 -12.60 10.49
N LYS A 58 13.79 -11.26 10.56
CA LYS A 58 12.93 -10.49 9.68
C LYS A 58 13.27 -10.71 8.21
N ASP A 60 14.74 -13.37 6.99
CA ASP A 60 14.34 -14.75 6.68
C ASP A 60 12.88 -14.78 6.21
N ALA A 61 12.03 -14.01 6.90
CA ALA A 61 10.60 -14.04 6.61
C ALA A 61 10.28 -13.39 5.27
N ILE A 62 10.92 -12.25 5.01
CA ILE A 62 10.73 -11.57 3.72
C ILE A 62 11.24 -12.43 2.56
N LYS A 63 12.42 -13.05 2.75
CA LYS A 63 12.98 -13.93 1.74
C LYS A 63 11.99 -15.05 1.43
N ASP A 64 11.42 -15.63 2.47
CA ASP A 64 10.51 -16.76 2.30
C ASP A 64 9.31 -16.35 1.46
N PHE A 65 8.79 -15.15 1.73
CA PHE A 65 7.64 -14.61 0.99
C PHE A 65 7.98 -14.41 -0.49
N VAL A 66 9.12 -13.77 -0.77
CA VAL A 66 9.51 -13.55 -2.15
C VAL A 66 9.81 -14.88 -2.84
N LEU A 67 10.44 -15.81 -2.11
CA LEU A 67 10.77 -17.13 -2.66
C LEU A 67 9.51 -17.86 -3.11
N THR A 68 8.39 -17.49 -2.51
CA THR A 68 7.10 -18.14 -2.75
C THR A 68 6.29 -17.46 -3.85
N ILE A 69 6.22 -16.13 -3.82
CA ILE A 69 5.46 -15.40 -4.82
C ILE A 69 6.25 -15.13 -6.11
N GLY A 70 7.56 -14.93 -5.96
CA GLY A 70 8.44 -14.62 -7.08
C GLY A 70 8.31 -15.55 -8.27
N PRO A 71 8.34 -16.88 -8.03
CA PRO A 71 8.26 -17.83 -9.13
C PRO A 71 6.92 -17.80 -9.86
N THR A 72 5.91 -17.12 -9.33
CA THR A 72 4.63 -16.99 -10.03
C THR A 72 4.59 -15.77 -10.96
N LEU A 73 5.63 -14.94 -10.92
CA LEU A 73 5.64 -13.67 -11.65
C LEU A 73 6.31 -13.74 -13.02
N ASP A 74 5.60 -13.25 -14.03
CA ASP A 74 6.17 -12.95 -15.33
C ASP A 74 7.32 -11.94 -15.12
N SER A 75 8.40 -12.02 -15.91
CA SER A 75 9.57 -11.19 -15.61
C SER A 75 9.28 -9.68 -15.69
N GLU A 76 8.49 -9.29 -16.68
CA GLU A 76 8.11 -7.88 -16.79
C GLU A 76 7.14 -7.44 -15.70
N ILE A 77 6.24 -8.33 -15.26
CA ILE A 77 5.41 -8.02 -14.08
C ILE A 77 6.26 -7.83 -12.83
N LEU A 78 7.24 -8.71 -12.64
CA LEU A 78 8.19 -8.56 -11.55
C LEU A 78 8.96 -7.25 -11.65
N HIS A 79 9.37 -6.87 -12.86
CA HIS A 79 10.15 -5.63 -13.00
C HIS A 79 9.30 -4.43 -12.60
N GLN A 80 8.05 -4.45 -13.05
CA GLN A 80 7.09 -3.36 -12.83
C GLN A 80 6.81 -3.26 -11.33
N LEU A 81 6.57 -4.41 -10.68
CA LEU A 81 6.32 -4.40 -9.24
C LEU A 81 7.51 -3.84 -8.48
N THR A 82 8.71 -4.28 -8.84
CA THR A 82 9.90 -3.80 -8.15
C THR A 82 10.08 -2.29 -8.30
N SER A 83 9.82 -1.78 -9.49
CA SER A 83 9.95 -0.34 -9.72
C SER A 83 8.94 0.46 -8.90
N ARG A 84 7.72 -0.04 -8.82
CA ARG A 84 6.70 0.61 -8.02
C ARG A 84 7.09 0.59 -6.55
N ILE A 86 10.02 0.57 -5.29
CA ILE A 86 11.10 1.53 -5.06
C ILE A 86 10.51 2.95 -5.01
N GLU A 87 9.58 3.26 -5.91
CA GLU A 87 8.95 4.60 -5.92
C GLU A 87 8.13 4.87 -4.66
N LEU A 88 7.46 3.83 -4.15
CA LEU A 88 6.45 4.01 -3.09
C LEU A 88 6.94 3.68 -1.68
N SER A 89 8.13 3.09 -1.57
CA SER A 89 8.71 2.72 -0.28
C SER A 89 8.74 3.93 0.65
N PRO A 90 8.42 3.71 1.94
CA PRO A 90 8.26 4.82 2.88
C PRO A 90 9.56 5.57 3.10
N PRO A 91 9.47 6.90 3.23
CA PRO A 91 10.69 7.65 3.55
C PRO A 91 11.13 7.28 4.95
N GLY A 92 12.38 6.89 5.14
CA GLY A 92 12.87 6.66 6.49
C GLY A 92 13.82 7.76 6.89
N ASP A 93 14.52 7.56 8.01
CA ASP A 93 15.58 8.46 8.42
C ASP A 93 16.63 8.55 7.31
N ARG A 94 17.43 9.61 7.35
CA ARG A 94 18.48 9.81 6.36
C ARG A 94 19.38 8.59 6.21
N ASN A 95 19.67 8.21 4.97
CA ASN A 95 20.66 7.17 4.71
C ASN A 95 20.22 5.79 5.22
N THR A 96 18.92 5.51 5.14
CA THR A 96 18.37 4.22 5.58
C THR A 96 17.73 3.38 4.46
N PHE A 97 17.43 4.01 3.33
CA PHE A 97 16.80 3.27 2.22
C PHE A 97 17.70 2.09 1.82
N ARG A 99 18.93 -0.37 3.56
CA ARG A 99 19.79 -0.95 4.59
CA ARG A 99 19.80 -0.95 4.59
C ARG A 99 19.00 -1.88 5.51
N GLY A 100 17.76 -1.51 5.81
CA GLY A 100 16.92 -2.31 6.65
C GLY A 100 16.41 -3.51 5.86
N SER A 101 15.88 -4.50 6.57
CA SER A 101 15.30 -5.66 5.90
C SER A 101 13.95 -5.25 5.37
N SER A 102 13.77 -5.29 4.05
CA SER A 102 12.57 -4.76 3.44
C SER A 102 12.13 -5.54 2.22
N LEU A 103 10.84 -5.43 1.90
CA LEU A 103 10.29 -6.15 0.75
C LEU A 103 10.86 -5.63 -0.57
N GLU A 104 11.08 -4.32 -0.64
CA GLU A 104 11.64 -3.74 -1.86
C GLU A 104 13.07 -4.22 -2.10
N LYS A 105 13.85 -4.37 -1.03
CA LYS A 105 15.20 -4.91 -1.18
C LYS A 105 15.15 -6.36 -1.66
N ALA A 106 14.23 -7.13 -1.09
CA ALA A 106 14.14 -8.54 -1.49
C ALA A 106 13.65 -8.74 -2.92
N PHE A 107 12.65 -7.97 -3.34
CA PHE A 107 12.18 -8.05 -4.72
C PHE A 107 13.29 -7.67 -5.70
N LEU A 108 14.03 -6.62 -5.38
CA LEU A 108 15.14 -6.21 -6.24
C LEU A 108 16.20 -7.31 -6.33
N ALA A 109 16.55 -7.88 -5.18
CA ALA A 109 17.51 -8.98 -5.13
C ALA A 109 17.04 -10.20 -5.92
N PHE A 110 15.75 -10.48 -5.89
CA PHE A 110 15.22 -11.64 -6.60
C PHE A 110 15.31 -11.39 -8.10
N GLU A 111 14.97 -10.17 -8.50
CA GLU A 111 15.09 -9.82 -9.91
C GLU A 111 16.55 -9.85 -10.34
N ALA A 113 18.79 -11.77 -9.14
CA ALA A 113 19.27 -13.16 -9.11
C ALA A 113 18.93 -13.87 -10.41
N HIS A 114 17.78 -13.52 -10.98
CA HIS A 114 17.25 -14.34 -12.07
C HIS A 114 17.20 -13.58 -13.39
N TYR A 115 17.04 -12.26 -13.30
CA TYR A 115 16.98 -11.44 -14.51
C TYR A 115 17.89 -10.23 -14.35
N PRO A 116 19.20 -10.46 -14.22
CA PRO A 116 20.09 -9.34 -13.87
C PRO A 116 20.17 -8.21 -14.90
N THR A 117 20.08 -8.52 -16.19
CA THR A 117 20.14 -7.48 -17.22
C THR A 117 18.99 -6.49 -17.11
N LYS A 118 17.79 -7.02 -16.87
CA LYS A 118 16.61 -6.19 -16.69
C LYS A 118 16.64 -5.43 -15.37
N ALA A 119 17.13 -6.08 -14.32
CA ALA A 119 17.12 -5.47 -12.99
C ALA A 119 18.08 -4.30 -12.88
N GLU A 120 19.08 -4.28 -13.74
CA GLU A 120 20.07 -3.21 -13.73
C GLU A 120 19.45 -1.83 -13.91
N GLU A 121 18.31 -1.75 -14.60
CA GLU A 121 17.66 -0.48 -14.86
C GLU A 121 17.16 0.23 -13.59
N HIS A 122 16.99 -0.51 -12.51
CA HIS A 122 16.47 0.06 -11.27
C HIS A 122 17.47 1.03 -10.63
N PHE A 123 18.76 0.85 -10.95
CA PHE A 123 19.79 1.71 -10.38
C PHE A 123 19.84 3.07 -11.04
N ASN A 124 19.07 3.24 -12.10
CA ASN A 124 18.89 4.52 -12.78
C ASN A 124 17.68 5.31 -12.27
N SER A 125 16.89 4.69 -11.39
CA SER A 125 15.63 5.26 -10.96
C SER A 125 15.88 6.49 -10.08
N THR A 126 14.92 7.41 -10.05
CA THR A 126 15.05 8.64 -9.27
C THR A 126 15.35 8.33 -7.80
N ARG A 127 14.66 7.34 -7.25
CA ARG A 127 14.81 7.06 -5.82
C ARG A 127 16.20 6.48 -5.53
N VAL A 128 16.67 5.54 -6.35
CA VAL A 128 17.97 4.93 -6.08
C VAL A 128 19.07 5.96 -6.31
N ARG A 129 18.92 6.76 -7.35
CA ARG A 129 19.89 7.82 -7.60
C ARG A 129 19.94 8.83 -6.45
N THR A 130 18.77 9.18 -5.91
CA THR A 130 18.73 10.14 -4.80
C THR A 130 19.43 9.60 -3.57
N GLU A 131 19.17 8.32 -3.27
CA GLU A 131 19.60 7.70 -2.02
C GLU A 131 21.02 7.15 -2.09
N PHE A 132 21.47 6.87 -3.32
CA PHE A 132 22.84 6.39 -3.57
C PHE A 132 23.43 7.19 -4.73
N PRO A 133 23.82 8.45 -4.45
CA PRO A 133 24.17 9.38 -5.53
C PRO A 133 25.54 9.15 -6.19
N GLY A 134 26.47 8.53 -5.48
CA GLY A 134 27.81 8.37 -6.01
C GLY A 134 28.09 6.97 -6.52
N GLU A 135 29.03 6.86 -7.46
CA GLU A 135 29.45 5.57 -8.02
C GLU A 135 29.70 4.55 -6.91
N ASN A 136 30.44 4.98 -5.89
CA ASN A 136 30.80 4.10 -4.79
C ASN A 136 29.59 3.71 -3.91
N ASP A 137 28.63 4.63 -3.78
CA ASP A 137 27.39 4.32 -3.08
C ASP A 137 26.68 3.17 -3.80
N ILE A 138 26.65 3.24 -5.13
CA ILE A 138 25.97 2.21 -5.92
C ILE A 138 26.76 0.92 -5.83
N ASP A 139 28.09 1.02 -5.89
CA ASP A 139 28.96 -0.15 -5.78
C ASP A 139 28.72 -0.95 -4.50
N ASN A 140 28.66 -0.26 -3.36
CA ASN A 140 28.39 -0.93 -2.09
C ASN A 140 26.97 -1.46 -2.01
N LEU A 141 26.01 -0.72 -2.59
CA LEU A 141 24.62 -1.18 -2.65
C LEU A 141 24.58 -2.55 -3.30
N LYS A 142 25.30 -2.70 -4.41
CA LYS A 142 25.32 -3.98 -5.13
C LYS A 142 26.15 -5.06 -4.43
N ALA A 143 27.37 -4.71 -4.06
CA ALA A 143 28.34 -5.72 -3.62
C ALA A 143 28.17 -6.10 -2.15
N VAL A 144 27.65 -5.18 -1.34
CA VAL A 144 27.53 -5.46 0.10
C VAL A 144 26.09 -5.64 0.53
N ILE A 145 25.23 -4.70 0.15
CA ILE A 145 23.86 -4.68 0.65
C ILE A 145 22.96 -5.70 -0.04
N LEU A 146 23.01 -5.74 -1.37
CA LEU A 146 22.17 -6.68 -2.12
C LEU A 146 22.77 -8.10 -2.23
N ASN A 147 24.09 -8.17 -2.29
CA ASN A 147 24.78 -9.44 -2.59
C ASN A 147 24.39 -10.69 -1.80
N PRO A 148 24.30 -10.60 -0.46
CA PRO A 148 23.93 -11.81 0.29
C PRO A 148 22.52 -12.28 -0.03
N ILE A 149 21.64 -11.34 -0.33
CA ILE A 149 20.26 -11.70 -0.62
C ILE A 149 20.18 -12.30 -2.02
N ILE A 150 20.89 -11.69 -2.98
CA ILE A 150 20.96 -12.25 -4.33
C ILE A 150 21.51 -13.67 -4.26
N ALA A 151 22.55 -13.87 -3.45
CA ALA A 151 23.19 -15.19 -3.35
C ALA A 151 22.23 -16.22 -2.79
N PHE A 152 21.35 -15.78 -1.90
CA PHE A 152 20.35 -16.67 -1.31
C PHE A 152 19.39 -17.16 -2.37
N PHE A 153 18.88 -16.25 -3.19
CA PHE A 153 17.92 -16.63 -4.22
C PHE A 153 18.56 -17.50 -5.28
N GLN A 154 19.86 -17.34 -5.51
CA GLN A 154 20.51 -18.14 -6.54
C GLN A 154 20.76 -19.57 -6.09
N SER A 155 20.92 -19.76 -4.79
CA SER A 155 21.12 -21.09 -4.23
C SER A 155 20.18 -21.37 -3.05
N PRO B 4 -2.90 15.60 1.60
CA PRO B 4 -2.98 14.90 0.30
C PRO B 4 -3.17 13.39 0.46
N LEU B 5 -3.55 12.73 -0.64
CA LEU B 5 -3.67 11.28 -0.68
C LEU B 5 -2.35 10.64 -0.27
N THR B 6 -2.39 9.45 0.31
CA THR B 6 -1.17 8.76 0.69
C THR B 6 -0.25 8.53 -0.52
N GLN B 7 -0.82 8.13 -1.65
CA GLN B 7 0.02 7.89 -2.83
C GLN B 7 0.65 9.20 -3.32
N THR B 8 -0.07 10.31 -3.13
CA THR B 8 0.49 11.63 -3.45
C THR B 8 1.72 11.91 -2.60
N GLN B 9 1.61 11.65 -1.30
CA GLN B 9 2.73 11.89 -0.40
C GLN B 9 3.99 11.11 -0.81
N ARG B 10 3.81 9.84 -1.18
CA ARG B 10 4.95 9.00 -1.51
C ARG B 10 5.57 9.40 -2.84
N LEU B 11 4.72 9.69 -3.81
CA LEU B 11 5.18 10.14 -5.13
C LEU B 11 5.89 11.49 -5.04
N ILE B 12 5.38 12.40 -4.21
CA ILE B 12 6.07 13.67 -3.98
C ILE B 12 7.43 13.43 -3.31
N ASN B 13 7.47 12.53 -2.33
CA ASN B 13 8.73 12.17 -1.69
C ASN B 13 9.80 11.74 -2.70
N THR B 14 9.39 10.94 -3.67
CA THR B 14 10.33 10.44 -4.66
C THR B 14 10.68 11.48 -5.74
N TYR B 15 9.66 12.12 -6.29
CA TYR B 15 9.83 12.96 -7.48
C TYR B 15 9.83 14.46 -7.23
N GLY B 16 9.35 14.88 -6.07
CA GLY B 16 9.12 16.29 -5.80
C GLY B 16 10.32 17.19 -5.99
N ALA B 17 11.48 16.76 -5.50
CA ALA B 17 12.65 17.65 -5.52
C ALA B 17 13.16 17.93 -6.93
N SER B 18 13.09 16.93 -7.81
CA SER B 18 13.64 17.06 -9.16
C SER B 18 12.65 17.68 -10.14
N LEU B 19 11.37 17.69 -9.78
CA LEU B 19 10.38 18.47 -10.52
C LEU B 19 10.51 19.93 -10.12
N LYS B 20 10.65 20.16 -8.82
CA LYS B 20 10.68 21.52 -8.28
C LYS B 20 11.74 22.41 -8.94
N ASN B 21 12.93 21.85 -9.17
CA ASN B 21 14.01 22.60 -9.79
C ASN B 21 14.15 22.29 -11.28
N GLY B 22 13.21 21.54 -11.83
CA GLY B 22 13.24 21.22 -13.24
C GLY B 22 14.40 20.34 -13.70
N THR B 23 15.15 19.78 -12.76
CA THR B 23 16.33 19.01 -13.14
C THR B 23 16.05 17.56 -13.54
N ILE B 24 14.81 17.13 -13.42
CA ILE B 24 14.47 15.73 -13.75
C ILE B 24 14.88 15.40 -15.20
N SER B 25 15.58 14.27 -15.36
CA SER B 25 16.08 13.87 -16.67
C SER B 25 14.95 13.39 -17.58
N ASN B 26 15.26 13.26 -18.88
CA ASN B 26 14.31 12.71 -19.85
C ASN B 26 13.86 11.32 -19.43
N GLU B 27 14.86 10.50 -19.16
CA GLU B 27 14.68 9.13 -18.78
C GLU B 27 13.73 9.00 -17.59
N GLU B 28 13.91 9.84 -16.59
CA GLU B 28 13.13 9.78 -15.36
C GLU B 28 11.74 10.37 -15.55
N LEU B 29 11.65 11.38 -16.40
CA LEU B 29 10.36 12.00 -16.69
C LEU B 29 9.53 11.02 -17.50
N ILE B 30 10.19 10.31 -18.40
CA ILE B 30 9.50 9.29 -19.20
C ILE B 30 8.89 8.23 -18.27
N ILE B 31 9.62 7.88 -17.23
CA ILE B 31 9.17 6.92 -16.23
C ILE B 31 8.02 7.48 -15.38
N LEU B 32 8.15 8.73 -14.95
CA LEU B 32 7.08 9.37 -14.17
C LEU B 32 5.78 9.37 -14.98
N LEU B 33 5.90 9.45 -16.31
CA LEU B 33 4.72 9.57 -17.15
C LEU B 33 4.03 8.23 -17.49
N ASP B 34 4.51 7.13 -16.92
CA ASP B 34 3.84 5.83 -17.01
C ASP B 34 2.42 6.03 -16.47
N PRO B 35 1.41 5.70 -17.27
CA PRO B 35 0.03 5.86 -16.79
C PRO B 35 -0.27 5.09 -15.49
N ASN B 36 0.50 4.04 -15.21
CA ASN B 36 0.28 3.22 -14.00
C ASN B 36 0.92 3.82 -12.74
N THR B 37 1.54 5.00 -12.87
CA THR B 37 2.13 5.65 -11.70
C THR B 37 1.06 6.04 -10.69
N PHE B 38 -0.08 6.48 -11.22
CA PHE B 38 -1.22 6.87 -10.40
C PHE B 38 -2.32 5.83 -10.55
N THR B 39 -2.93 5.44 -9.44
CA THR B 39 -3.95 4.38 -9.49
C THR B 39 -5.25 4.90 -8.91
N LYS B 40 -6.37 4.28 -9.30
CA LYS B 40 -7.66 4.61 -8.74
C LYS B 40 -7.97 3.74 -7.55
N SER B 41 -8.95 4.12 -6.76
CA SER B 41 -9.38 3.27 -5.65
C SER B 41 -10.17 2.09 -6.22
N GLU B 42 -10.39 1.07 -5.40
CA GLU B 42 -11.08 -0.14 -5.87
C GLU B 42 -12.57 0.05 -6.11
N GLY B 43 -13.05 -0.50 -7.21
CA GLY B 43 -14.46 -0.46 -7.54
C GLY B 43 -15.02 0.94 -7.76
N TYR B 44 -16.28 1.11 -7.38
CA TYR B 44 -17.05 2.32 -7.68
C TYR B 44 -16.52 3.59 -6.98
N VAL B 45 -16.23 4.62 -7.77
CA VAL B 45 -15.86 5.91 -7.19
C VAL B 45 -17.13 6.71 -6.93
N ASP B 46 -17.46 6.87 -5.65
CA ASP B 46 -18.72 7.48 -5.22
C ASP B 46 -18.68 8.99 -5.37
N PRO B 47 -19.50 9.55 -6.29
CA PRO B 47 -19.53 11.00 -6.50
C PRO B 47 -20.04 11.72 -5.26
N ASN B 48 -20.73 10.97 -4.39
CA ASN B 48 -21.39 11.52 -3.21
C ASN B 48 -20.54 11.46 -1.93
N ALA B 49 -19.29 11.04 -2.08
CA ALA B 49 -18.37 10.91 -0.95
C ALA B 49 -17.09 11.64 -1.32
N PRO B 50 -16.32 12.09 -0.31
CA PRO B 50 -15.15 12.93 -0.59
C PRO B 50 -14.05 12.17 -1.31
N VAL B 51 -13.17 12.91 -2.00
CA VAL B 51 -11.93 12.33 -2.49
C VAL B 51 -11.10 11.90 -1.29
N SER B 52 -10.63 10.65 -1.31
CA SER B 52 -9.84 10.09 -0.22
C SER B 52 -9.09 8.86 -0.72
N ASP B 53 -8.22 8.29 0.13
CA ASP B 53 -7.49 7.06 -0.19
C ASP B 53 -8.42 5.95 -0.68
N SER B 54 -9.61 5.87 -0.12
CA SER B 54 -10.55 4.79 -0.45
C SER B 54 -11.52 5.13 -1.58
N ASN B 55 -11.52 6.39 -2.02
CA ASN B 55 -12.51 6.84 -2.99
C ASN B 55 -11.90 7.88 -3.92
N HIS B 56 -11.27 7.44 -4.99
CA HIS B 56 -10.72 8.39 -5.95
C HIS B 56 -10.54 7.75 -7.30
N SER B 57 -10.82 8.51 -8.34
CA SER B 57 -10.50 8.11 -9.69
C SER B 57 -9.03 8.34 -9.97
N LYS B 58 -8.55 7.87 -11.11
CA LYS B 58 -7.17 8.12 -11.48
C LYS B 58 -6.90 9.63 -11.59
N ASP B 60 -8.55 12.01 -10.18
CA ASP B 60 -8.60 12.57 -8.81
C ASP B 60 -7.22 12.53 -8.18
N ALA B 61 -6.53 11.39 -8.34
CA ALA B 61 -5.21 11.22 -7.75
C ALA B 61 -4.20 12.10 -8.47
N ILE B 62 -4.30 12.15 -9.80
CA ILE B 62 -3.36 12.98 -10.57
C ILE B 62 -3.51 14.45 -10.20
N LYS B 63 -4.76 14.90 -10.14
CA LYS B 63 -5.07 16.26 -9.70
C LYS B 63 -4.44 16.55 -8.35
N ASP B 64 -4.61 15.61 -7.41
CA ASP B 64 -4.10 15.82 -6.05
C ASP B 64 -2.57 16.01 -6.03
N PHE B 65 -1.87 15.24 -6.87
CA PHE B 65 -0.41 15.34 -7.02
C PHE B 65 -0.02 16.72 -7.58
N VAL B 66 -0.70 17.15 -8.64
CA VAL B 66 -0.44 18.46 -9.24
C VAL B 66 -0.76 19.63 -8.29
N LEU B 67 -1.83 19.50 -7.50
CA LEU B 67 -2.16 20.52 -6.50
C LEU B 67 -1.07 20.66 -5.45
N THR B 68 -0.29 19.60 -5.27
CA THR B 68 0.75 19.58 -4.22
C THR B 68 2.07 20.09 -4.77
N ILE B 69 2.48 19.58 -5.93
CA ILE B 69 3.74 20.02 -6.51
C ILE B 69 3.61 21.38 -7.24
N GLY B 70 2.51 21.57 -7.95
CA GLY B 70 2.28 22.78 -8.74
C GLY B 70 2.58 24.11 -8.09
N PRO B 71 2.06 24.35 -6.88
CA PRO B 71 2.27 25.66 -6.27
C PRO B 71 3.73 25.93 -5.89
N THR B 72 4.58 24.91 -5.97
CA THR B 72 5.99 25.08 -5.62
C THR B 72 6.84 25.45 -6.84
N LEU B 73 6.19 25.50 -8.00
CA LEU B 73 6.89 25.68 -9.27
C LEU B 73 6.93 27.14 -9.73
N ASP B 74 8.13 27.63 -10.03
CA ASP B 74 8.33 28.90 -10.77
C ASP B 74 7.60 28.77 -12.10
N SER B 75 6.99 29.85 -12.60
CA SER B 75 6.11 29.70 -13.77
C SER B 75 6.87 29.21 -15.00
N GLU B 76 8.12 29.64 -15.14
CA GLU B 76 8.93 29.18 -16.26
C GLU B 76 9.34 27.71 -16.12
N ILE B 77 9.60 27.28 -14.89
CA ILE B 77 9.90 25.86 -14.65
C ILE B 77 8.68 25.01 -14.97
N LEU B 78 7.52 25.49 -14.54
CA LEU B 78 6.26 24.80 -14.83
C LEU B 78 6.05 24.74 -16.34
N HIS B 79 6.36 25.82 -17.05
CA HIS B 79 6.17 25.80 -18.51
C HIS B 79 7.09 24.77 -19.15
N GLN B 80 8.36 24.75 -18.73
CA GLN B 80 9.36 23.83 -19.30
C GLN B 80 8.97 22.38 -19.06
N LEU B 81 8.53 22.08 -17.84
CA LEU B 81 8.10 20.73 -17.50
C LEU B 81 6.92 20.32 -18.37
N THR B 82 5.93 21.19 -18.49
CA THR B 82 4.75 20.89 -19.29
C THR B 82 5.16 20.63 -20.74
N SER B 83 6.07 21.45 -21.26
CA SER B 83 6.53 21.26 -22.63
C SER B 83 7.21 19.90 -22.80
N ARG B 84 8.04 19.56 -21.82
CA ARG B 84 8.76 18.31 -21.85
C ARG B 84 7.82 17.09 -21.75
N ILE B 86 4.62 16.92 -22.61
CA ILE B 86 3.89 16.80 -23.87
C ILE B 86 4.74 16.05 -24.88
N GLU B 87 6.02 16.38 -24.94
CA GLU B 87 6.92 15.81 -25.92
C GLU B 87 7.28 14.35 -25.62
N LEU B 88 7.27 14.00 -24.33
CA LEU B 88 7.81 12.71 -23.91
C LEU B 88 6.72 11.70 -23.53
N SER B 89 5.49 12.16 -23.36
CA SER B 89 4.38 11.28 -22.98
C SER B 89 4.31 10.09 -23.94
N PRO B 90 4.19 8.87 -23.39
CA PRO B 90 4.39 7.65 -24.18
C PRO B 90 3.55 7.66 -25.44
N PRO B 91 4.10 7.16 -26.52
CA PRO B 91 3.42 7.06 -27.81
C PRO B 91 2.08 6.43 -27.61
N GLY B 92 1.15 6.62 -28.52
CA GLY B 92 -0.18 6.09 -28.31
C GLY B 92 -0.85 5.45 -29.51
N ASP B 93 -1.98 4.82 -29.30
CA ASP B 93 -2.87 4.46 -30.38
C ASP B 93 -3.25 5.76 -31.02
N ARG B 94 -3.72 5.75 -32.27
CA ARG B 94 -4.15 7.01 -32.88
C ARG B 94 -5.22 7.59 -31.99
N ASN B 95 -5.33 8.90 -32.00
CA ASN B 95 -6.35 9.63 -31.31
C ASN B 95 -6.57 9.35 -29.81
N THR B 96 -5.52 9.13 -29.01
CA THR B 96 -5.70 9.02 -27.55
C THR B 96 -4.94 10.09 -26.79
N PHE B 97 -4.02 10.73 -27.46
CA PHE B 97 -3.25 11.80 -26.82
C PHE B 97 -4.18 12.83 -26.20
N ARG B 99 -6.58 12.48 -24.32
CA ARG B 99 -7.92 12.00 -24.04
C ARG B 99 -7.98 11.33 -22.67
N GLY B 100 -7.06 10.45 -22.42
CA GLY B 100 -7.03 9.71 -21.15
C GLY B 100 -6.59 10.57 -19.98
N SER B 101 -6.79 10.05 -18.77
CA SER B 101 -6.34 10.77 -17.59
C SER B 101 -4.82 10.65 -17.48
N SER B 102 -4.13 11.78 -17.53
CA SER B 102 -2.67 11.75 -17.49
C SER B 102 -2.09 12.94 -16.78
N LEU B 103 -0.84 12.77 -16.39
CA LEU B 103 -0.12 13.82 -15.72
C LEU B 103 0.13 14.98 -16.68
N GLU B 104 0.41 14.68 -17.94
CA GLU B 104 0.71 15.76 -18.88
C GLU B 104 -0.53 16.65 -19.13
N LYS B 105 -1.72 16.06 -19.13
CA LYS B 105 -2.95 16.84 -19.24
C LYS B 105 -3.15 17.70 -17.99
N ALA B 106 -2.93 17.12 -16.83
CA ALA B 106 -3.14 17.87 -15.58
C ALA B 106 -2.15 19.04 -15.42
N PHE B 107 -0.89 18.83 -15.78
CA PHE B 107 0.08 19.94 -15.79
C PHE B 107 -0.34 21.02 -16.78
N LEU B 108 -0.76 20.65 -17.99
CA LEU B 108 -1.17 21.66 -18.96
C LEU B 108 -2.37 22.45 -18.44
N ALA B 109 -3.31 21.74 -17.80
CA ALA B 109 -4.52 22.37 -17.28
C ALA B 109 -4.17 23.31 -16.15
N PHE B 110 -3.22 22.91 -15.31
CA PHE B 110 -2.77 23.73 -14.18
C PHE B 110 -2.11 24.99 -14.67
N GLU B 111 -1.21 24.86 -15.65
CA GLU B 111 -0.63 26.05 -16.26
C GLU B 111 -1.69 26.95 -16.92
N ALA B 113 -4.74 27.24 -15.95
CA ALA B 113 -5.60 27.79 -14.91
C ALA B 113 -4.99 29.06 -14.36
N HIS B 114 -3.67 29.06 -14.23
CA HIS B 114 -2.99 30.13 -13.49
C HIS B 114 -2.16 31.04 -14.37
N TYR B 115 -1.66 30.50 -15.48
CA TYR B 115 -0.86 31.27 -16.44
C TYR B 115 -1.32 31.01 -17.88
N PRO B 116 -2.57 31.39 -18.20
CA PRO B 116 -3.17 31.08 -19.50
C PRO B 116 -2.41 31.63 -20.70
N THR B 117 -1.86 32.84 -20.58
CA THR B 117 -1.17 33.47 -21.72
C THR B 117 0.06 32.67 -22.15
N LYS B 118 0.86 32.26 -21.16
CA LYS B 118 2.07 31.48 -21.44
C LYS B 118 1.73 30.06 -21.86
N ALA B 119 0.68 29.51 -21.28
CA ALA B 119 0.30 28.13 -21.59
C ALA B 119 -0.19 27.98 -23.03
N GLU B 120 -0.67 29.08 -23.61
CA GLU B 120 -1.14 29.07 -25.00
C GLU B 120 -0.06 28.57 -25.96
N GLU B 121 1.21 28.76 -25.62
CA GLU B 121 2.29 28.35 -26.50
C GLU B 121 2.34 26.85 -26.71
N HIS B 122 1.86 26.07 -25.74
CA HIS B 122 1.88 24.61 -25.89
C HIS B 122 1.05 24.14 -27.09
N PHE B 123 0.06 24.92 -27.49
CA PHE B 123 -0.81 24.51 -28.60
C PHE B 123 -0.13 24.60 -29.96
N ASN B 124 1.04 25.25 -29.99
CA ASN B 124 1.81 25.39 -31.21
C ASN B 124 2.95 24.38 -31.25
N SER B 125 3.02 23.53 -30.21
CA SER B 125 4.04 22.50 -30.14
C SER B 125 3.81 21.47 -31.24
N THR B 126 4.89 20.81 -31.66
CA THR B 126 4.81 19.82 -32.72
C THR B 126 3.80 18.72 -32.38
N ARG B 127 3.82 18.26 -31.13
CA ARG B 127 2.98 17.12 -30.76
C ARG B 127 1.49 17.48 -30.78
N VAL B 128 1.14 18.64 -30.23
CA VAL B 128 -0.26 19.03 -30.16
C VAL B 128 -0.80 19.34 -31.56
N ARG B 129 0.01 20.01 -32.37
CA ARG B 129 -0.32 20.29 -33.77
C ARG B 129 -0.57 19.01 -34.52
N THR B 130 0.28 18.01 -34.24
CA THR B 130 0.21 16.74 -34.94
C THR B 130 -1.05 15.98 -34.53
N GLU B 131 -1.34 16.00 -33.23
CA GLU B 131 -2.45 15.22 -32.68
C GLU B 131 -3.77 15.95 -32.85
N PHE B 132 -3.70 17.26 -32.97
CA PHE B 132 -4.88 18.11 -33.12
C PHE B 132 -4.65 19.12 -34.23
N PRO B 133 -4.69 18.66 -35.49
CA PRO B 133 -4.22 19.47 -36.63
C PRO B 133 -5.17 20.58 -37.09
N GLY B 134 -6.47 20.45 -36.83
CA GLY B 134 -7.41 21.44 -37.31
C GLY B 134 -7.89 22.38 -36.21
N GLU B 135 -8.43 23.54 -36.60
CA GLU B 135 -8.94 24.50 -35.63
C GLU B 135 -10.01 23.88 -34.73
N ASN B 136 -10.91 23.10 -35.30
CA ASN B 136 -11.95 22.44 -34.52
C ASN B 136 -11.38 21.46 -33.49
N ASP B 137 -10.31 20.76 -33.87
CA ASP B 137 -9.63 19.82 -32.96
C ASP B 137 -9.09 20.55 -31.74
N ILE B 138 -8.44 21.69 -31.98
CA ILE B 138 -7.85 22.50 -30.91
C ILE B 138 -8.94 23.11 -30.03
N ASP B 139 -10.00 23.63 -30.65
CA ASP B 139 -11.14 24.18 -29.91
C ASP B 139 -11.75 23.16 -28.94
N ASN B 140 -11.91 21.92 -29.39
CA ASN B 140 -12.47 20.85 -28.57
C ASN B 140 -11.49 20.45 -27.48
N LEU B 141 -10.21 20.43 -27.82
CA LEU B 141 -9.17 20.13 -26.82
C LEU B 141 -9.28 21.13 -25.67
N LYS B 142 -9.40 22.40 -26.04
CA LYS B 142 -9.54 23.46 -25.05
C LYS B 142 -10.90 23.44 -24.34
N ALA B 143 -11.98 23.39 -25.11
CA ALA B 143 -13.30 23.63 -24.52
C ALA B 143 -13.93 22.41 -23.87
N VAL B 144 -13.56 21.22 -24.30
CA VAL B 144 -14.15 20.01 -23.75
C VAL B 144 -13.15 19.22 -22.91
N ILE B 145 -11.97 18.97 -23.48
CA ILE B 145 -11.04 18.05 -22.84
C ILE B 145 -10.34 18.71 -21.64
N LEU B 146 -9.82 19.90 -21.84
CA LEU B 146 -9.05 20.55 -20.77
C LEU B 146 -9.93 21.36 -19.82
N ASN B 147 -11.02 21.91 -20.35
CA ASN B 147 -11.87 22.82 -19.56
C ASN B 147 -12.23 22.36 -18.13
N PRO B 148 -12.76 21.14 -17.96
CA PRO B 148 -13.22 20.81 -16.60
C PRO B 148 -12.07 20.64 -15.61
N ILE B 149 -10.88 20.34 -16.11
CA ILE B 149 -9.70 20.25 -15.24
C ILE B 149 -9.17 21.64 -14.88
N ILE B 150 -9.13 22.54 -15.87
CA ILE B 150 -8.77 23.94 -15.62
C ILE B 150 -9.71 24.51 -14.57
N ALA B 151 -11.00 24.23 -14.74
CA ALA B 151 -12.01 24.76 -13.82
C ALA B 151 -11.80 24.24 -12.39
N PHE B 152 -11.37 22.99 -12.28
CA PHE B 152 -11.08 22.39 -10.99
C PHE B 152 -9.93 23.12 -10.35
N PHE B 153 -8.88 23.37 -11.12
CA PHE B 153 -7.72 24.05 -10.55
C PHE B 153 -8.02 25.50 -10.19
N GLN B 154 -8.94 26.12 -10.92
CA GLN B 154 -9.29 27.53 -10.64
C GLN B 154 -10.18 27.68 -9.42
N SER B 155 -10.94 26.64 -9.11
CA SER B 155 -11.72 26.63 -7.87
C SER B 155 -11.45 25.35 -7.07
N PRO C 4 -11.93 -11.08 35.06
CA PRO C 4 -11.91 -11.75 33.76
C PRO C 4 -11.81 -13.28 33.89
N LEU C 5 -12.03 -13.99 32.80
CA LEU C 5 -11.95 -15.45 32.81
C LEU C 5 -10.53 -15.94 33.06
N THR C 6 -10.40 -17.21 33.42
CA THR C 6 -9.11 -17.86 33.61
C THR C 6 -8.25 -17.72 32.35
N GLN C 7 -8.80 -18.10 31.21
CA GLN C 7 -8.03 -18.07 29.97
C GLN C 7 -7.64 -16.65 29.55
N THR C 8 -8.47 -15.66 29.92
CA THR C 8 -8.15 -14.27 29.64
C THR C 8 -6.93 -13.84 30.44
N GLN C 9 -6.93 -14.17 31.73
CA GLN C 9 -5.78 -13.88 32.58
C GLN C 9 -4.52 -14.52 31.98
N ARG C 10 -4.61 -15.78 31.59
CA ARG C 10 -3.42 -16.49 31.11
C ARG C 10 -2.89 -15.92 29.78
N LEU C 11 -3.81 -15.61 28.86
CA LEU C 11 -3.41 -15.05 27.59
C LEU C 11 -2.85 -13.63 27.75
N ILE C 12 -3.39 -12.89 28.72
CA ILE C 12 -2.88 -11.56 28.99
C ILE C 12 -1.49 -11.63 29.63
N ASN C 13 -1.30 -12.60 30.51
CA ASN C 13 0.01 -12.85 31.07
C ASN C 13 1.02 -13.25 29.99
N THR C 14 0.55 -14.00 29.00
CA THR C 14 1.41 -14.50 27.94
C THR C 14 1.70 -13.48 26.84
N TYR C 15 0.67 -12.76 26.41
CA TYR C 15 0.80 -11.87 25.25
C TYR C 15 0.49 -10.39 25.52
N GLY C 16 0.06 -10.07 26.73
CA GLY C 16 -0.42 -8.73 27.02
C GLY C 16 0.61 -7.64 26.81
N ALA C 17 1.85 -7.86 27.28
CA ALA C 17 2.87 -6.81 27.19
C ALA C 17 3.21 -6.45 25.73
N SER C 18 3.41 -7.47 24.89
CA SER C 18 3.73 -7.24 23.49
C SER C 18 2.55 -6.71 22.69
N LEU C 19 1.33 -6.98 23.15
CA LEU C 19 0.16 -6.39 22.51
C LEU C 19 0.11 -4.91 22.87
N LYS C 20 0.32 -4.61 24.15
CA LYS C 20 0.19 -3.25 24.66
C LYS C 20 1.14 -2.26 24.01
N ASN C 21 2.37 -2.70 23.71
CA ASN C 21 3.32 -1.83 23.03
C ASN C 21 3.40 -2.10 21.54
N GLY C 22 2.55 -2.99 21.05
CA GLY C 22 2.47 -3.29 19.63
C GLY C 22 3.69 -3.98 19.03
N THR C 23 4.58 -4.49 19.88
CA THR C 23 5.80 -5.15 19.41
C THR C 23 5.59 -6.64 19.13
N ILE C 24 4.36 -7.12 19.29
CA ILE C 24 4.10 -8.54 19.14
C ILE C 24 4.42 -9.02 17.72
N SER C 25 5.04 -10.19 17.61
CA SER C 25 5.44 -10.73 16.30
C SER C 25 4.25 -11.30 15.58
N ASN C 26 4.38 -11.50 14.27
CA ASN C 26 3.33 -12.17 13.50
C ASN C 26 3.16 -13.62 14.01
N GLU C 27 4.28 -14.22 14.43
CA GLU C 27 4.27 -15.55 15.02
C GLU C 27 3.26 -15.68 16.15
N GLU C 28 3.28 -14.70 17.07
CA GLU C 28 2.41 -14.77 18.24
C GLU C 28 0.96 -14.37 17.89
N LEU C 29 0.80 -13.48 16.92
CA LEU C 29 -0.54 -13.14 16.44
C LEU C 29 -1.20 -14.35 15.79
N ILE C 30 -0.44 -15.09 14.99
CA ILE C 30 -0.94 -16.30 14.35
C ILE C 30 -1.43 -17.33 15.40
N ILE C 31 -0.70 -17.43 16.53
CA ILE C 31 -1.15 -18.27 17.64
C ILE C 31 -2.46 -17.79 18.27
N LEU C 32 -2.54 -16.48 18.53
CA LEU C 32 -3.77 -15.86 19.04
C LEU C 32 -4.97 -16.05 18.08
N LEU C 33 -4.68 -16.11 16.78
CA LEU C 33 -5.74 -16.19 15.76
C LEU C 33 -6.08 -17.63 15.40
N ASP C 34 -5.32 -18.58 15.93
CA ASP C 34 -5.62 -20.00 15.73
C ASP C 34 -6.98 -20.29 16.36
N PRO C 35 -7.84 -21.04 15.65
CA PRO C 35 -9.20 -21.34 16.11
C PRO C 35 -9.26 -22.03 17.48
N ASN C 36 -8.17 -22.65 17.91
CA ASN C 36 -8.17 -23.41 19.17
C ASN C 36 -7.57 -22.68 20.37
N THR C 37 -7.23 -21.41 20.19
CA THR C 37 -6.61 -20.64 21.25
C THR C 37 -7.64 -20.26 22.32
N PHE C 38 -8.86 -19.95 21.86
CA PHE C 38 -9.96 -19.67 22.76
C PHE C 38 -10.90 -20.86 22.84
N THR C 39 -11.22 -21.26 24.05
CA THR C 39 -12.04 -22.44 24.27
C THR C 39 -13.28 -22.08 25.10
N LYS C 40 -14.33 -22.87 24.92
CA LYS C 40 -15.53 -22.76 25.74
C LYS C 40 -15.30 -23.50 27.05
N SER C 41 -16.23 -23.34 28.00
CA SER C 41 -16.21 -24.12 29.23
C SER C 41 -17.19 -25.28 29.08
N ASP C 46 -24.43 -23.46 29.04
CA ASP C 46 -24.67 -22.49 27.99
C ASP C 46 -25.81 -21.55 28.37
N PRO C 47 -26.97 -21.71 27.70
CA PRO C 47 -28.27 -21.12 28.02
C PRO C 47 -28.30 -19.60 28.11
N ASN C 48 -28.45 -19.10 29.33
CA ASN C 48 -28.63 -17.67 29.57
C ASN C 48 -27.77 -17.17 30.73
N ALA C 49 -27.38 -18.08 31.61
CA ALA C 49 -26.59 -17.74 32.79
C ALA C 49 -25.35 -16.94 32.42
N PRO C 50 -25.08 -15.86 33.16
CA PRO C 50 -23.99 -14.89 32.92
C PRO C 50 -22.63 -15.52 32.60
N VAL C 51 -21.76 -14.73 31.98
CA VAL C 51 -20.46 -15.22 31.57
C VAL C 51 -19.56 -15.51 32.77
N SER C 52 -19.25 -16.79 32.98
CA SER C 52 -18.40 -17.19 34.11
C SER C 52 -17.26 -18.07 33.66
N ASP C 53 -16.30 -18.31 34.56
CA ASP C 53 -15.22 -19.24 34.33
C ASP C 53 -15.78 -20.63 34.00
N SER C 54 -16.93 -20.95 34.59
CA SER C 54 -17.62 -22.21 34.30
C SER C 54 -18.79 -22.04 33.32
N ASN C 55 -19.02 -20.83 32.82
CA ASN C 55 -20.07 -20.62 31.82
C ASN C 55 -19.72 -19.60 30.75
N HIS C 56 -19.07 -20.07 29.68
CA HIS C 56 -18.68 -19.20 28.58
C HIS C 56 -18.52 -19.98 27.28
N SER C 57 -19.01 -19.39 26.20
CA SER C 57 -18.78 -19.93 24.86
C SER C 57 -17.42 -19.43 24.38
N LYS C 58 -16.94 -19.99 23.27
CA LYS C 58 -15.72 -19.51 22.64
C LYS C 58 -15.77 -17.99 22.38
N ASP C 60 -17.75 -15.74 23.86
CA ASP C 60 -17.77 -15.05 25.15
C ASP C 60 -16.35 -14.84 25.63
N ALA C 61 -15.53 -15.88 25.52
CA ALA C 61 -14.14 -15.82 25.95
C ALA C 61 -13.34 -14.80 25.14
N ILE C 62 -13.54 -14.80 23.83
CA ILE C 62 -12.85 -13.84 22.96
C ILE C 62 -13.22 -12.40 23.31
N LYS C 63 -14.52 -12.14 23.46
CA LYS C 63 -15.00 -10.82 23.86
C LYS C 63 -14.42 -10.42 25.21
N ASP C 64 -14.38 -11.38 26.14
CA ASP C 64 -13.85 -11.09 27.48
C ASP C 64 -12.37 -10.74 27.41
N PHE C 65 -11.64 -11.40 26.51
CA PHE C 65 -10.25 -11.09 26.28
C PHE C 65 -10.11 -9.65 25.76
N VAL C 66 -10.90 -9.32 24.73
CA VAL C 66 -10.82 -7.99 24.13
C VAL C 66 -11.28 -6.90 25.09
N LEU C 67 -12.34 -7.19 25.84
CA LEU C 67 -12.87 -6.21 26.79
C LEU C 67 -11.84 -5.89 27.86
N THR C 68 -11.01 -6.87 28.18
CA THR C 68 -10.00 -6.72 29.22
C THR C 68 -8.72 -6.06 28.69
N ILE C 69 -8.25 -6.47 27.51
CA ILE C 69 -7.03 -5.87 27.00
C ILE C 69 -7.23 -4.59 26.16
N GLY C 70 -8.35 -4.51 25.46
CA GLY C 70 -8.69 -3.36 24.63
C GLY C 70 -8.42 -1.99 25.23
N PRO C 71 -8.93 -1.75 26.45
CA PRO C 71 -8.76 -0.45 27.10
C PRO C 71 -7.31 -0.10 27.42
N THR C 72 -6.39 -1.04 27.28
CA THR C 72 -4.99 -0.73 27.61
C THR C 72 -4.21 -0.32 26.36
N LEU C 73 -4.88 -0.40 25.21
CA LEU C 73 -4.21 -0.11 23.95
C LEU C 73 -4.40 1.35 23.53
N ASP C 74 -3.28 2.03 23.29
CA ASP C 74 -3.26 3.27 22.53
C ASP C 74 -4.06 3.06 21.26
N SER C 75 -4.80 4.09 20.82
CA SER C 75 -5.74 3.93 19.72
C SER C 75 -5.02 3.56 18.43
N GLU C 76 -3.81 4.07 18.26
CA GLU C 76 -3.03 3.76 17.06
C GLU C 76 -2.47 2.34 17.10
N ILE C 77 -2.13 1.87 18.29
CA ILE C 77 -1.65 0.48 18.44
C ILE C 77 -2.81 -0.48 18.21
N LEU C 78 -3.98 -0.10 18.71
CA LEU C 78 -5.19 -0.87 18.48
C LEU C 78 -5.48 -0.97 16.99
N HIS C 79 -5.32 0.13 16.26
CA HIS C 79 -5.59 0.11 14.82
C HIS C 79 -4.65 -0.84 14.10
N GLN C 80 -3.36 -0.76 14.43
CA GLN C 80 -2.36 -1.58 13.76
C GLN C 80 -2.59 -3.04 14.06
N LEU C 81 -2.89 -3.36 15.31
CA LEU C 81 -3.14 -4.73 15.70
C LEU C 81 -4.31 -5.29 14.90
N THR C 82 -5.36 -4.48 14.76
CA THR C 82 -6.55 -4.96 14.06
C THR C 82 -6.23 -5.20 12.58
N SER C 83 -5.48 -4.30 11.97
CA SER C 83 -5.08 -4.43 10.59
C SER C 83 -4.30 -5.72 10.39
N ARG C 84 -3.37 -5.95 11.31
CA ARG C 84 -2.49 -7.11 11.22
C ARG C 84 -3.27 -8.42 11.38
N ILE C 86 -6.39 -8.90 10.62
CA ILE C 86 -7.13 -9.07 9.37
C ILE C 86 -6.22 -9.68 8.29
N GLU C 87 -4.99 -9.19 8.17
CA GLU C 87 -4.06 -9.76 7.20
C GLU C 87 -3.71 -11.22 7.51
N LEU C 88 -3.56 -11.52 8.78
CA LEU C 88 -2.97 -12.80 9.20
C LEU C 88 -3.98 -13.90 9.54
N SER C 89 -5.25 -13.54 9.65
CA SER C 89 -6.28 -14.50 10.08
C SER C 89 -6.33 -15.69 9.13
N PRO C 90 -6.54 -16.90 9.66
CA PRO C 90 -6.46 -18.09 8.80
C PRO C 90 -7.53 -18.11 7.72
N PRO C 91 -7.21 -18.69 6.56
CA PRO C 91 -8.20 -18.75 5.47
C PRO C 91 -9.26 -19.76 5.84
N GLY C 92 -10.48 -19.56 5.34
CA GLY C 92 -11.54 -20.51 5.61
C GLY C 92 -12.28 -20.85 4.34
N ASP C 93 -13.39 -21.58 4.48
CA ASP C 93 -14.28 -21.86 3.36
C ASP C 93 -14.79 -20.55 2.76
N ARG C 94 -15.30 -20.63 1.53
CA ARG C 94 -15.84 -19.47 0.83
C ARG C 94 -16.90 -18.74 1.66
N ASN C 95 -16.78 -17.42 1.73
CA ASN C 95 -17.75 -16.58 2.43
C ASN C 95 -17.96 -16.94 3.91
N THR C 96 -16.87 -17.16 4.64
CA THR C 96 -16.96 -17.42 6.08
C THR C 96 -16.21 -16.38 6.89
N PHE C 97 -15.32 -15.64 6.23
CA PHE C 97 -14.56 -14.58 6.91
C PHE C 97 -15.52 -13.69 7.66
N ARG C 99 -17.80 -14.26 9.72
CA ARG C 99 -19.14 -14.76 10.05
C ARG C 99 -19.22 -15.69 11.26
N GLY C 100 -18.08 -16.15 11.75
CA GLY C 100 -18.08 -17.01 12.93
C GLY C 100 -17.56 -16.26 14.15
N SER C 101 -16.95 -17.00 15.06
CA SER C 101 -16.32 -16.41 16.24
C SER C 101 -14.83 -16.29 15.95
N SER C 102 -14.30 -15.08 16.06
CA SER C 102 -12.89 -14.87 15.77
C SER C 102 -12.34 -13.67 16.52
N LEU C 103 -11.04 -13.71 16.81
CA LEU C 103 -10.42 -12.59 17.50
C LEU C 103 -10.36 -11.34 16.63
N GLU C 104 -10.14 -11.50 15.32
CA GLU C 104 -10.06 -10.35 14.42
C GLU C 104 -11.41 -9.61 14.39
N LYS C 105 -12.50 -10.38 14.40
CA LYS C 105 -13.85 -9.79 14.39
C LYS C 105 -14.07 -8.95 15.63
N ALA C 106 -13.67 -9.50 16.77
CA ALA C 106 -13.87 -8.81 18.04
C ALA C 106 -13.00 -7.56 18.16
N PHE C 107 -11.76 -7.62 17.69
CA PHE C 107 -10.90 -6.44 17.73
C PHE C 107 -11.46 -5.34 16.84
N LEU C 108 -11.94 -5.71 15.67
CA LEU C 108 -12.53 -4.74 14.76
C LEU C 108 -13.76 -4.08 15.39
N ALA C 109 -14.64 -4.88 15.97
CA ALA C 109 -15.83 -4.35 16.65
C ALA C 109 -15.48 -3.39 17.79
N PHE C 110 -14.44 -3.72 18.57
CA PHE C 110 -14.01 -2.88 19.68
C PHE C 110 -13.50 -1.54 19.16
N GLU C 111 -12.72 -1.59 18.08
CA GLU C 111 -12.24 -0.37 17.48
C GLU C 111 -13.41 0.43 16.92
N ALA C 113 -16.47 0.43 18.03
CA ALA C 113 -17.26 0.93 19.13
C ALA C 113 -16.71 2.25 19.70
N HIS C 114 -15.39 2.43 19.66
CA HIS C 114 -14.77 3.54 20.39
C HIS C 114 -14.07 4.54 19.46
N TYR C 115 -13.59 4.04 18.32
CA TYR C 115 -12.88 4.88 17.37
C TYR C 115 -13.40 4.62 15.97
N PRO C 116 -14.70 4.88 15.72
CA PRO C 116 -15.32 4.47 14.45
C PRO C 116 -14.70 5.10 13.22
N THR C 117 -14.27 6.35 13.32
CA THR C 117 -13.69 7.05 12.17
C THR C 117 -12.41 6.38 11.67
N LYS C 118 -11.54 6.00 12.60
CA LYS C 118 -10.30 5.32 12.21
C LYS C 118 -10.55 3.87 11.81
N ALA C 119 -11.49 3.22 12.49
CA ALA C 119 -11.80 1.82 12.20
C ALA C 119 -12.37 1.65 10.78
N GLU C 120 -12.92 2.72 10.22
CA GLU C 120 -13.57 2.67 8.91
C GLU C 120 -12.55 2.33 7.82
N GLU C 121 -11.29 2.65 8.09
CA GLU C 121 -10.21 2.37 7.15
C GLU C 121 -10.04 0.87 6.85
N HIS C 122 -10.38 0.02 7.81
CA HIS C 122 -10.25 -1.42 7.65
C HIS C 122 -11.12 -1.99 6.52
N PHE C 123 -12.24 -1.34 6.23
CA PHE C 123 -13.15 -1.89 5.21
C PHE C 123 -12.63 -1.74 3.79
N ASN C 124 -11.54 -1.01 3.65
CA ASN C 124 -10.90 -0.84 2.35
C ASN C 124 -9.61 -1.68 2.19
N SER C 125 -9.32 -2.51 3.19
CA SER C 125 -8.16 -3.37 3.12
C SER C 125 -8.37 -4.49 2.09
N THR C 126 -7.27 -4.98 1.51
CA THR C 126 -7.28 -6.05 0.53
C THR C 126 -8.10 -7.27 0.98
N ARG C 127 -7.88 -7.71 2.22
CA ARG C 127 -8.55 -8.91 2.73
C ARG C 127 -10.07 -8.73 2.81
N VAL C 128 -10.49 -7.59 3.38
CA VAL C 128 -11.92 -7.30 3.55
C VAL C 128 -12.59 -7.11 2.20
N ARG C 129 -11.93 -6.39 1.30
CA ARG C 129 -12.45 -6.27 -0.06
C ARG C 129 -12.62 -7.63 -0.77
N THR C 130 -11.62 -8.51 -0.66
CA THR C 130 -11.69 -9.84 -1.27
C THR C 130 -12.88 -10.66 -0.75
N GLU C 131 -13.13 -10.58 0.56
CA GLU C 131 -14.15 -11.40 1.19
C GLU C 131 -15.53 -10.75 1.15
N PHE C 132 -15.56 -9.43 0.99
CA PHE C 132 -16.82 -8.68 0.88
C PHE C 132 -16.77 -7.76 -0.34
N PRO C 133 -16.86 -8.34 -1.56
CA PRO C 133 -16.50 -7.69 -2.82
C PRO C 133 -17.29 -6.44 -3.21
N GLY C 134 -18.54 -6.34 -2.77
CA GLY C 134 -19.40 -5.25 -3.21
C GLY C 134 -19.91 -4.29 -2.13
N GLU C 135 -20.49 -3.18 -2.58
CA GLU C 135 -21.04 -2.19 -1.66
C GLU C 135 -22.02 -2.86 -0.69
N ASN C 136 -22.93 -3.63 -1.27
CA ASN C 136 -23.90 -4.41 -0.51
C ASN C 136 -23.31 -5.25 0.63
N ASP C 137 -22.22 -5.94 0.34
CA ASP C 137 -21.66 -6.89 1.31
C ASP C 137 -21.06 -6.16 2.49
N ILE C 138 -20.44 -5.03 2.20
CA ILE C 138 -19.79 -4.21 3.23
C ILE C 138 -20.83 -3.60 4.15
N ASP C 139 -21.92 -3.12 3.58
CA ASP C 139 -23.04 -2.58 4.35
C ASP C 139 -23.59 -3.61 5.33
N ASN C 140 -23.81 -4.84 4.86
CA ASN C 140 -24.30 -5.91 5.72
C ASN C 140 -23.28 -6.28 6.78
N LEU C 141 -22.01 -6.30 6.40
CA LEU C 141 -20.94 -6.62 7.35
C LEU C 141 -20.96 -5.62 8.52
N LYS C 142 -21.15 -4.35 8.22
CA LYS C 142 -21.22 -3.34 9.29
C LYS C 142 -22.52 -3.38 10.09
N ALA C 143 -23.63 -3.38 9.37
CA ALA C 143 -24.94 -3.16 9.99
C ALA C 143 -25.55 -4.43 10.59
N VAL C 144 -25.08 -5.59 10.15
CA VAL C 144 -25.61 -6.86 10.65
C VAL C 144 -24.57 -7.71 11.38
N ILE C 145 -23.47 -8.00 10.70
CA ILE C 145 -22.48 -8.93 11.22
C ILE C 145 -21.73 -8.34 12.41
N LEU C 146 -21.20 -7.13 12.25
CA LEU C 146 -20.46 -6.53 13.34
C LEU C 146 -21.33 -5.89 14.41
N ASN C 147 -22.56 -5.50 14.04
CA ASN C 147 -23.39 -4.68 14.93
C ASN C 147 -23.62 -5.16 16.38
N PRO C 148 -24.01 -6.44 16.58
CA PRO C 148 -24.26 -6.85 17.96
C PRO C 148 -22.97 -6.86 18.79
N ILE C 149 -21.84 -7.17 18.16
CA ILE C 149 -20.56 -7.14 18.85
C ILE C 149 -20.13 -5.71 19.19
N ILE C 150 -20.27 -4.79 18.23
CA ILE C 150 -20.06 -3.37 18.49
C ILE C 150 -20.90 -2.90 19.66
N ALA C 151 -22.19 -3.26 19.64
CA ALA C 151 -23.12 -2.88 20.69
C ALA C 151 -22.68 -3.42 22.05
N PHE C 152 -22.11 -4.63 22.06
CA PHE C 152 -21.59 -5.20 23.31
C PHE C 152 -20.49 -4.32 23.89
N PHE C 153 -19.53 -3.93 23.07
CA PHE C 153 -18.38 -3.16 23.56
C PHE C 153 -18.76 -1.74 23.96
N GLN C 154 -19.79 -1.18 23.35
CA GLN C 154 -20.30 0.16 23.71
C GLN C 154 -21.04 0.16 25.05
N SER C 155 -21.60 -0.99 25.41
CA SER C 155 -22.28 -1.15 26.70
C SER C 155 -22.10 -2.57 27.27
#